data_5JA4
#
_entry.id   5JA4
#
_cell.length_a   139.506
_cell.length_b   139.506
_cell.length_c   72.896
_cell.angle_alpha   90.00
_cell.angle_beta   90.00
_cell.angle_gamma   120.00
#
_symmetry.space_group_name_H-M   'P 3 2 1'
#
loop_
_entity.id
_entity.type
_entity.pdbx_description
1 polymer 'Histone H3.3'
2 polymer 'Histone H4'
3 polymer 'DNA replication licensing factor MCM2'
4 polymer 'Tonsoku-like protein'
5 non-polymer '2-(N-MORPHOLINO)-ETHANESULFONIC ACID'
6 non-polymer GLYCEROL
7 water water
#
loop_
_entity_poly.entity_id
_entity_poly.type
_entity_poly.pdbx_seq_one_letter_code
_entity_poly.pdbx_strand_id
1 'polypeptide(L)' STELLIRKLPFQRLVREIAQDFKTDLRFQSAAIGALQEASEAYLVGLFEDTNLCAIHAKRVTIMPKDIQLARRIRGERA A
2 'polypeptide(L)'
;SGRGKGGKGLGKGGAKRHRKVLRDNIQGITKPAIRRLARRGGVKRISGLIYEETRGVLKVFLENVIRDAVTYTEHAKRKT
VTAMDVVYALKRQGRTLYGFGG
;
B
3 'polypeptide(L)' GPLEEEEDGEELIGDGMERDYRAIPELDAYEAEGLALDDEDVEELTASQREAAERAMRQRDREAGRGLGR C
4 'polypeptide(L)'
;GHLGRRKGSKWNRRNDMGETLLHRACIEGQLRRVQDLVRQGHPLNPRDYCGWTPLHEACNYGHLEIVRFLLDHGAAVDDP
GGQGCEGITPLHDALNCGHFEVAELLLERGASVTLRTRKGLSPLETLQQWVKLYRRDLDLETRQKARAMEMLLQAAASGQ
DPHSSQAFHTPSSLLFDPETS
;
D
#
# COMPACT_ATOMS: atom_id res chain seq x y z
N SER A 1 6.68 7.94 33.41
CA SER A 1 6.12 7.92 32.06
C SER A 1 5.05 9.01 31.85
N THR A 2 4.40 8.95 30.69
CA THR A 2 3.44 9.95 30.20
C THR A 2 2.26 9.21 29.54
N GLU A 3 1.18 9.92 29.23
CA GLU A 3 0.04 9.37 28.49
C GLU A 3 0.32 9.44 26.99
N LEU A 4 1.54 9.86 26.66
CA LEU A 4 2.02 9.88 25.29
C LEU A 4 1.89 8.53 24.59
N LEU A 5 1.29 8.51 23.41
CA LEU A 5 1.29 7.25 22.67
C LEU A 5 1.92 7.49 21.30
N ILE A 6 1.16 8.04 20.35
CA ILE A 6 1.68 8.41 19.03
C ILE A 6 1.90 9.90 19.02
N ARG A 7 3.00 10.36 18.43
CA ARG A 7 3.24 11.80 18.34
C ARG A 7 2.18 12.44 17.47
N LYS A 8 1.65 13.58 17.91
CA LYS A 8 0.56 14.24 17.23
C LYS A 8 0.88 14.58 15.77
N LEU A 9 1.99 15.28 15.54
CA LEU A 9 2.30 15.81 14.20
C LEU A 9 2.47 14.71 13.15
N PRO A 10 3.26 13.67 13.46
CA PRO A 10 3.31 12.64 12.43
C PRO A 10 1.95 11.99 12.25
N PHE A 11 1.14 11.91 13.32
CA PHE A 11 -0.16 11.28 13.15
C PHE A 11 -1.04 12.11 12.19
N GLN A 12 -0.99 13.43 12.34
CA GLN A 12 -1.73 14.33 11.47
C GLN A 12 -1.36 14.15 10.01
N ARG A 13 -0.07 14.15 9.73
CA ARG A 13 0.41 14.03 8.38
C ARG A 13 0.10 12.65 7.83
N LEU A 14 0.05 11.66 8.71
CA LEU A 14 -0.32 10.32 8.29
C LEU A 14 -1.75 10.32 7.80
N VAL A 15 -2.63 10.98 8.55
CA VAL A 15 -4.04 11.07 8.18
C VAL A 15 -4.25 11.80 6.85
N ARG A 16 -3.54 12.91 6.64
CA ARG A 16 -3.69 13.68 5.40
C ARG A 16 -3.20 12.89 4.19
N GLU A 17 -2.16 12.08 4.39
CA GLU A 17 -1.61 11.36 3.25
C GLU A 17 -2.63 10.32 2.82
N ILE A 18 -3.13 9.54 3.78
CA ILE A 18 -4.14 8.53 3.48
C ILE A 18 -5.42 9.15 2.86
N ALA A 19 -5.87 10.26 3.42
CA ALA A 19 -7.08 10.92 2.94
C ALA A 19 -6.91 11.33 1.47
N GLN A 20 -5.68 11.68 1.12
CA GLN A 20 -5.38 12.29 -0.15
C GLN A 20 -5.70 11.40 -1.34
N ASP A 21 -5.56 10.08 -1.22
CA ASP A 21 -5.84 9.31 -2.42
C ASP A 21 -7.29 8.85 -2.46
N PHE A 22 -8.08 9.19 -1.45
CA PHE A 22 -9.53 9.13 -1.61
C PHE A 22 -10.11 10.41 -2.20
N LYS A 23 -9.66 11.55 -1.70
CA LYS A 23 -10.13 12.84 -2.18
C LYS A 23 -9.07 13.92 -1.94
N THR A 24 -9.00 14.89 -2.82
CA THR A 24 -7.97 15.92 -2.76
C THR A 24 -8.61 17.24 -2.38
N ASP A 25 -7.80 18.18 -1.88
CA ASP A 25 -8.30 19.48 -1.45
C ASP A 25 -9.04 19.37 -0.11
N LEU A 26 -8.98 18.23 0.55
CA LEU A 26 -9.59 18.12 1.88
C LEU A 26 -8.85 18.88 2.98
N ARG A 27 -9.61 19.47 3.90
CA ARG A 27 -9.04 19.93 5.15
C ARG A 27 -9.77 19.33 6.35
N PHE A 28 -9.13 19.41 7.51
CA PHE A 28 -9.65 18.77 8.70
C PHE A 28 -9.90 19.74 9.83
N GLN A 29 -10.98 19.55 10.57
CA GLN A 29 -11.07 20.16 11.89
C GLN A 29 -10.03 19.48 12.77
N SER A 30 -9.45 20.22 13.72
CA SER A 30 -8.43 19.60 14.55
C SER A 30 -9.03 18.46 15.33
N ALA A 31 -10.25 18.67 15.83
CA ALA A 31 -10.99 17.64 16.55
C ALA A 31 -11.17 16.36 15.73
N ALA A 32 -11.30 16.48 14.42
CA ALA A 32 -11.40 15.31 13.56
C ALA A 32 -10.10 14.48 13.59
N ILE A 33 -8.97 15.15 13.57
CA ILE A 33 -7.69 14.47 13.69
C ILE A 33 -7.60 13.85 15.07
N GLY A 34 -8.00 14.64 16.08
CA GLY A 34 -8.01 14.20 17.45
C GLY A 34 -8.87 12.94 17.59
N ALA A 35 -10.06 12.98 16.99
CA ALA A 35 -10.94 11.82 16.98
C ALA A 35 -10.22 10.60 16.35
N LEU A 36 -9.56 10.80 15.22
CA LEU A 36 -8.91 9.68 14.56
C LEU A 36 -7.78 9.15 15.43
N GLN A 37 -7.04 10.06 16.05
CA GLN A 37 -5.89 9.64 16.83
C GLN A 37 -6.36 8.83 18.05
N GLU A 38 -7.35 9.33 18.77
CA GLU A 38 -7.81 8.61 19.96
C GLU A 38 -8.35 7.22 19.59
N ALA A 39 -9.20 7.15 18.57
CA ALA A 39 -9.72 5.86 18.11
C ALA A 39 -8.59 4.92 17.68
N SER A 40 -7.64 5.43 16.90
CA SER A 40 -6.48 4.59 16.49
C SER A 40 -5.73 4.01 17.70
N GLU A 41 -5.50 4.87 18.69
CA GLU A 41 -4.75 4.47 19.87
C GLU A 41 -5.54 3.47 20.73
N ALA A 42 -6.84 3.71 20.92
CA ALA A 42 -7.67 2.75 21.66
C ALA A 42 -7.70 1.41 20.94
N TYR A 43 -7.79 1.50 19.63
CA TYR A 43 -7.82 0.32 18.80
C TYR A 43 -6.55 -0.51 18.99
N LEU A 44 -5.39 0.11 18.82
CA LEU A 44 -4.12 -0.61 18.96
C LEU A 44 -3.86 -1.11 20.40
N VAL A 45 -4.14 -0.27 21.40
CA VAL A 45 -3.92 -0.68 22.77
C VAL A 45 -4.78 -1.92 23.09
N GLY A 46 -6.04 -1.87 22.71
CA GLY A 46 -6.94 -3.01 22.92
C GLY A 46 -6.44 -4.25 22.19
N LEU A 47 -5.97 -4.04 20.96
CA LEU A 47 -5.48 -5.14 20.15
C LEU A 47 -4.26 -5.78 20.83
N PHE A 48 -3.40 -4.95 21.42
CA PHE A 48 -2.20 -5.49 22.06
C PHE A 48 -2.60 -6.34 23.28
N GLU A 49 -3.70 -5.97 23.93
CA GLU A 49 -4.19 -6.78 25.05
C GLU A 49 -4.62 -8.17 24.56
N ASP A 50 -5.32 -8.22 23.43
CA ASP A 50 -5.78 -9.50 22.87
C ASP A 50 -4.60 -10.33 22.41
N THR A 51 -3.66 -9.63 21.79
CA THR A 51 -2.42 -10.19 21.32
C THR A 51 -1.64 -10.81 22.47
N ASN A 52 -1.56 -10.07 23.56
CA ASN A 52 -0.87 -10.59 24.72
C ASN A 52 -1.53 -11.90 25.18
N LEU A 53 -2.86 -11.96 25.14
CA LEU A 53 -3.59 -13.16 25.56
C LEU A 53 -3.23 -14.34 24.68
N CYS A 54 -3.13 -14.07 23.37
CA CYS A 54 -2.75 -15.11 22.40
C CYS A 54 -1.32 -15.67 22.60
N ALA A 55 -0.39 -14.79 22.99
CA ALA A 55 0.98 -15.19 23.28
C ALA A 55 1.04 -16.13 24.49
N ILE A 56 0.33 -15.73 25.54
CA ILE A 56 0.26 -16.47 26.78
C ILE A 56 -0.36 -17.84 26.55
N HIS A 57 -1.39 -17.88 25.72
CA HIS A 57 -2.03 -19.14 25.33
C HIS A 57 -1.01 -20.09 24.72
N ALA A 58 -0.04 -19.56 23.98
CA ALA A 58 0.99 -20.38 23.33
C ALA A 58 2.18 -20.57 24.27
N LYS A 59 2.02 -20.14 25.52
CA LYS A 59 3.07 -20.23 26.54
C LYS A 59 4.30 -19.43 26.14
N ARG A 60 4.05 -18.24 25.61
CA ARG A 60 5.10 -17.30 25.27
C ARG A 60 4.89 -15.99 25.99
N VAL A 61 5.98 -15.39 26.46
CA VAL A 61 5.99 -14.01 26.94
C VAL A 61 6.23 -12.99 25.82
N THR A 62 6.85 -13.44 24.73
CA THR A 62 7.14 -12.58 23.59
C THR A 62 6.00 -12.61 22.56
N ILE A 63 5.32 -11.48 22.33
CA ILE A 63 4.24 -11.46 21.34
C ILE A 63 4.88 -11.40 19.96
N MET A 64 4.15 -11.91 18.97
CA MET A 64 4.62 -12.10 17.61
C MET A 64 3.50 -11.76 16.62
N PRO A 65 3.84 -11.56 15.34
CA PRO A 65 2.79 -11.26 14.36
C PRO A 65 1.63 -12.26 14.37
N LYS A 66 1.93 -13.56 14.51
CA LYS A 66 0.89 -14.56 14.45
C LYS A 66 -0.10 -14.36 15.59
N ASP A 67 0.35 -13.84 16.74
CA ASP A 67 -0.56 -13.48 17.81
C ASP A 67 -1.54 -12.36 17.42
N ILE A 68 -0.99 -11.29 16.84
CA ILE A 68 -1.83 -10.20 16.32
C ILE A 68 -2.82 -10.74 15.30
N GLN A 69 -2.35 -11.64 14.44
CA GLN A 69 -3.21 -12.20 13.40
C GLN A 69 -4.37 -12.99 14.02
N LEU A 70 -4.09 -13.85 14.99
CA LEU A 70 -5.16 -14.60 15.62
C LEU A 70 -6.20 -13.66 16.25
N ALA A 71 -5.71 -12.72 17.06
CA ALA A 71 -6.59 -11.74 17.66
C ALA A 71 -7.50 -11.05 16.64
N ARG A 72 -6.93 -10.62 15.51
CA ARG A 72 -7.74 -9.90 14.53
C ARG A 72 -8.80 -10.80 13.89
N ARG A 73 -8.44 -12.05 13.71
CA ARG A 73 -9.36 -12.97 13.04
C ARG A 73 -10.55 -13.22 13.97
N ILE A 74 -10.25 -13.48 15.23
CA ILE A 74 -11.30 -13.79 16.18
C ILE A 74 -12.16 -12.54 16.36
N ARG A 75 -11.56 -11.34 16.30
CA ARG A 75 -12.33 -10.11 16.40
C ARG A 75 -13.15 -9.87 15.13
N GLY A 76 -13.00 -10.74 14.14
CA GLY A 76 -13.83 -10.65 12.97
C GLY A 76 -13.28 -9.76 11.89
N GLU A 77 -12.01 -9.39 11.97
CA GLU A 77 -11.42 -8.58 10.89
C GLU A 77 -11.06 -9.43 9.68
N ARG A 78 -10.66 -8.79 8.60
CA ARG A 78 -10.31 -9.51 7.38
C ARG A 78 -8.87 -9.25 6.98
N LYS B 12 23.51 -8.22 -23.61
CA LYS B 12 24.50 -7.15 -23.50
C LYS B 12 23.85 -5.77 -23.50
N GLY B 13 22.52 -5.73 -23.46
CA GLY B 13 21.82 -4.47 -23.56
C GLY B 13 21.76 -3.74 -22.21
N GLY B 14 20.68 -3.01 -21.98
CA GLY B 14 20.48 -2.31 -20.72
C GLY B 14 19.00 -2.27 -20.37
N ALA B 15 18.66 -1.72 -19.21
CA ALA B 15 17.26 -1.76 -18.73
C ALA B 15 16.79 -0.40 -18.20
N LYS B 16 15.49 -0.13 -18.32
CA LYS B 16 14.94 1.04 -17.63
C LYS B 16 14.03 0.55 -16.49
N ARG B 17 14.45 0.78 -15.25
CA ARG B 17 13.67 0.24 -14.15
C ARG B 17 12.38 1.03 -13.96
N HIS B 18 11.50 0.53 -13.08
CA HIS B 18 10.22 1.18 -12.86
C HIS B 18 10.39 2.38 -11.96
N ARG B 19 9.79 3.50 -12.35
CA ARG B 19 9.63 4.60 -11.41
C ARG B 19 8.81 4.07 -10.23
N LYS B 20 9.11 4.51 -9.02
CA LYS B 20 8.35 4.07 -7.86
C LYS B 20 7.77 5.25 -7.13
N VAL B 21 6.58 5.06 -6.56
CA VAL B 21 5.93 6.11 -5.82
C VAL B 21 5.88 5.75 -4.34
N LEU B 22 6.37 6.66 -3.51
CA LEU B 22 6.56 6.39 -2.09
C LEU B 22 5.49 7.09 -1.25
N ARG B 23 4.79 6.32 -0.42
CA ARG B 23 3.98 6.93 0.63
C ARG B 23 4.50 6.47 1.99
N ASP B 24 5.20 7.40 2.64
CA ASP B 24 6.10 7.16 3.77
C ASP B 24 5.52 7.30 5.16
N ASN B 25 4.38 7.94 5.24
CA ASN B 25 4.02 8.63 6.48
C ASN B 25 3.68 7.66 7.60
N ILE B 26 3.36 6.42 7.22
CA ILE B 26 3.11 5.35 8.17
C ILE B 26 4.36 5.05 9.00
N GLN B 27 5.55 5.38 8.47
CA GLN B 27 6.76 5.25 9.28
C GLN B 27 6.77 6.24 10.44
N GLY B 28 5.88 7.23 10.36
CA GLY B 28 5.69 8.17 11.45
C GLY B 28 5.12 7.46 12.68
N ILE B 29 4.61 6.23 12.51
CA ILE B 29 4.33 5.40 13.67
C ILE B 29 5.64 4.71 13.94
N THR B 30 6.37 5.25 14.90
CA THR B 30 7.76 4.88 15.04
C THR B 30 7.91 3.70 15.97
N LYS B 31 9.12 3.17 16.09
CA LYS B 31 9.36 2.14 17.07
C LYS B 31 8.99 2.61 18.51
N PRO B 32 9.42 3.84 18.91
CA PRO B 32 9.03 4.27 20.27
C PRO B 32 7.51 4.34 20.45
N ALA B 33 6.80 4.94 19.49
CA ALA B 33 5.34 4.99 19.54
C ALA B 33 4.72 3.60 19.74
N ILE B 34 5.35 2.61 19.12
CA ILE B 34 4.77 1.26 19.10
C ILE B 34 5.06 0.57 20.42
N ARG B 35 6.26 0.79 20.95
CA ARG B 35 6.54 0.36 22.30
C ARG B 35 5.56 0.97 23.29
N ARG B 36 5.21 2.24 23.07
CA ARG B 36 4.39 2.93 24.04
C ARG B 36 2.99 2.33 24.04
N LEU B 37 2.51 2.00 22.84
CA LEU B 37 1.19 1.39 22.67
C LEU B 37 1.15 0.00 23.28
N ALA B 38 2.18 -0.78 23.00
CA ALA B 38 2.25 -2.14 23.48
C ALA B 38 2.33 -2.18 25.02
N ARG B 39 3.13 -1.30 25.59
CA ARG B 39 3.22 -1.20 27.05
C ARG B 39 1.85 -0.90 27.62
N ARG B 40 1.14 0.06 27.04
CA ARG B 40 -0.18 0.44 27.55
C ARG B 40 -1.12 -0.76 27.45
N GLY B 41 -0.82 -1.65 26.50
CA GLY B 41 -1.63 -2.84 26.30
C GLY B 41 -1.21 -3.98 27.22
N GLY B 42 -0.27 -3.71 28.13
CA GLY B 42 0.19 -4.72 29.07
C GLY B 42 1.23 -5.69 28.54
N VAL B 43 1.83 -5.37 27.39
CA VAL B 43 2.78 -6.26 26.74
C VAL B 43 4.18 -6.07 27.31
N LYS B 44 4.84 -7.16 27.70
CA LYS B 44 6.18 -7.02 28.25
C LYS B 44 7.35 -7.24 27.28
N ARG B 45 7.10 -7.96 26.19
CA ARG B 45 8.20 -8.32 25.29
C ARG B 45 7.69 -8.47 23.85
N ILE B 46 8.43 -7.95 22.89
CA ILE B 46 7.97 -8.03 21.51
C ILE B 46 9.02 -8.65 20.62
N SER B 47 8.57 -9.37 19.61
CA SER B 47 9.46 -9.84 18.55
C SER B 47 9.76 -8.70 17.58
N GLY B 48 10.85 -8.81 16.83
CA GLY B 48 11.28 -7.76 15.92
C GLY B 48 10.29 -7.45 14.82
N LEU B 49 9.52 -8.46 14.41
CA LEU B 49 8.57 -8.26 13.33
C LEU B 49 7.31 -7.49 13.78
N ILE B 50 7.16 -7.33 15.09
CA ILE B 50 5.99 -6.62 15.61
C ILE B 50 5.84 -5.20 15.04
N TYR B 51 6.95 -4.50 14.85
CA TYR B 51 6.89 -3.11 14.39
C TYR B 51 6.20 -3.01 13.03
N GLU B 52 6.71 -3.77 12.05
CA GLU B 52 6.13 -3.83 10.70
C GLU B 52 4.67 -4.20 10.77
N GLU B 53 4.38 -5.27 11.51
CA GLU B 53 3.02 -5.79 11.59
C GLU B 53 2.05 -4.73 12.08
N THR B 54 2.46 -4.01 13.13
CA THR B 54 1.61 -2.97 13.70
C THR B 54 1.34 -1.83 12.69
N ARG B 55 2.35 -1.44 11.92
CA ARG B 55 2.14 -0.40 10.91
C ARG B 55 1.12 -0.83 9.89
N GLY B 56 1.25 -2.06 9.40
CA GLY B 56 0.30 -2.59 8.45
C GLY B 56 -1.12 -2.57 9.00
N VAL B 57 -1.27 -3.06 10.22
CA VAL B 57 -2.57 -3.14 10.87
C VAL B 57 -3.21 -1.74 11.06
N LEU B 58 -2.43 -0.78 11.53
CA LEU B 58 -2.96 0.56 11.71
C LEU B 58 -3.34 1.17 10.35
N LYS B 59 -2.48 0.99 9.35
CA LYS B 59 -2.70 1.53 8.00
C LYS B 59 -4.03 1.06 7.44
N VAL B 60 -4.26 -0.25 7.49
CA VAL B 60 -5.55 -0.79 7.09
C VAL B 60 -6.70 -0.12 7.86
N PHE B 61 -6.52 0.03 9.17
CA PHE B 61 -7.57 0.56 10.03
C PHE B 61 -7.94 1.99 9.61
N LEU B 62 -6.93 2.82 9.43
CA LEU B 62 -7.14 4.22 9.09
C LEU B 62 -7.72 4.34 7.70
N GLU B 63 -7.23 3.52 6.78
CA GLU B 63 -7.72 3.52 5.41
C GLU B 63 -9.22 3.22 5.37
N ASN B 64 -9.64 2.21 6.11
CA ASN B 64 -11.06 1.92 6.22
C ASN B 64 -11.87 3.05 6.87
N VAL B 65 -11.37 3.63 7.97
CA VAL B 65 -12.15 4.67 8.64
C VAL B 65 -12.16 5.99 7.86
N ILE B 66 -11.02 6.39 7.33
CA ILE B 66 -10.95 7.65 6.60
C ILE B 66 -11.74 7.58 5.29
N ARG B 67 -11.70 6.42 4.62
CA ARG B 67 -12.52 6.22 3.41
C ARG B 67 -13.99 6.49 3.68
N ASP B 68 -14.50 5.96 4.78
CA ASP B 68 -15.90 6.19 5.11
C ASP B 68 -16.13 7.65 5.49
N ALA B 69 -15.24 8.20 6.32
CA ALA B 69 -15.36 9.58 6.79
C ALA B 69 -15.43 10.59 5.63
N VAL B 70 -14.47 10.46 4.72
CA VAL B 70 -14.41 11.28 3.52
C VAL B 70 -15.70 11.15 2.71
N THR B 71 -16.29 9.95 2.73
CA THR B 71 -17.55 9.74 2.04
C THR B 71 -18.65 10.52 2.71
N TYR B 72 -18.69 10.51 4.04
CA TYR B 72 -19.62 11.39 4.75
C TYR B 72 -19.40 12.86 4.35
N THR B 73 -18.16 13.32 4.43
CA THR B 73 -17.85 14.73 4.12
C THR B 73 -18.37 15.13 2.73
N GLU B 74 -18.25 14.22 1.77
CA GLU B 74 -18.73 14.48 0.42
C GLU B 74 -20.24 14.64 0.40
N HIS B 75 -20.95 13.73 1.05
CA HIS B 75 -22.41 13.80 1.06
C HIS B 75 -22.92 15.01 1.86
N ALA B 76 -22.04 15.63 2.62
CA ALA B 76 -22.40 16.88 3.30
C ALA B 76 -22.08 18.06 2.41
N LYS B 77 -21.65 17.78 1.18
CA LYS B 77 -21.32 18.79 0.19
C LYS B 77 -20.30 19.82 0.69
N ARG B 78 -19.27 19.35 1.37
CA ARG B 78 -18.21 20.23 1.84
C ARG B 78 -16.84 19.55 1.77
N LYS B 79 -15.79 20.36 1.82
CA LYS B 79 -14.40 19.91 1.77
C LYS B 79 -13.70 19.86 3.15
N THR B 80 -14.42 20.15 4.22
CA THR B 80 -13.81 20.08 5.54
C THR B 80 -14.36 18.88 6.32
N VAL B 81 -13.47 17.98 6.73
CA VAL B 81 -13.84 16.82 7.52
C VAL B 81 -14.04 17.24 8.98
N THR B 82 -15.12 16.78 9.58
CA THR B 82 -15.48 17.15 10.94
C THR B 82 -15.37 15.96 11.87
N ALA B 83 -15.27 16.26 13.16
CA ALA B 83 -15.15 15.23 14.17
C ALA B 83 -16.33 14.26 14.09
N MET B 84 -17.52 14.81 13.84
CA MET B 84 -18.70 13.98 13.71
C MET B 84 -18.60 13.05 12.51
N ASP B 85 -18.09 13.54 11.37
CA ASP B 85 -17.88 12.66 10.23
C ASP B 85 -17.06 11.45 10.66
N VAL B 86 -16.03 11.68 11.47
CA VAL B 86 -15.16 10.59 11.89
C VAL B 86 -15.90 9.65 12.84
N VAL B 87 -16.67 10.22 13.74
CA VAL B 87 -17.46 9.44 14.70
C VAL B 87 -18.39 8.44 13.97
N TYR B 88 -19.12 8.91 12.96
CA TYR B 88 -20.00 8.03 12.19
C TYR B 88 -19.21 6.95 11.48
N ALA B 89 -18.08 7.36 10.89
CA ALA B 89 -17.21 6.42 10.21
C ALA B 89 -16.77 5.35 11.19
N LEU B 90 -16.36 5.77 12.39
CA LEU B 90 -15.90 4.82 13.40
C LEU B 90 -17.02 3.87 13.78
N LYS B 91 -18.22 4.42 13.87
CA LYS B 91 -19.35 3.62 14.29
C LYS B 91 -19.65 2.57 13.23
N ARG B 92 -19.61 3.01 11.98
CA ARG B 92 -19.83 2.12 10.84
C ARG B 92 -18.78 1.01 10.79
N GLN B 93 -17.56 1.32 11.19
CA GLN B 93 -16.45 0.38 11.18
C GLN B 93 -16.36 -0.43 12.48
N GLY B 94 -17.37 -0.29 13.33
CA GLY B 94 -17.49 -1.11 14.54
C GLY B 94 -16.64 -0.67 15.72
N ARG B 95 -16.47 0.64 15.87
CA ARG B 95 -15.66 1.20 16.94
C ARG B 95 -16.42 2.37 17.61
N THR B 96 -16.50 2.38 18.94
CA THR B 96 -17.21 3.45 19.67
C THR B 96 -16.26 4.55 20.19
N LEU B 97 -16.57 5.81 19.89
CA LEU B 97 -15.77 6.93 20.38
C LEU B 97 -16.62 7.97 21.14
N TYR B 98 -16.22 8.28 22.37
CA TYR B 98 -16.94 9.25 23.20
C TYR B 98 -16.20 10.58 23.30
N GLY B 99 -16.95 11.68 23.42
CA GLY B 99 -16.39 13.00 23.64
C GLY B 99 -16.30 13.91 22.42
N PHE B 100 -16.60 13.36 21.25
CA PHE B 100 -16.51 14.09 19.99
C PHE B 100 -17.87 14.20 19.29
N ASP C 8 14.69 -14.16 22.01
CA ASP C 8 14.49 -13.75 20.63
C ASP C 8 13.43 -12.65 20.53
N GLY C 9 13.57 -11.63 21.37
CA GLY C 9 12.67 -10.50 21.36
C GLY C 9 13.18 -9.39 22.25
N GLU C 10 12.49 -8.26 22.31
CA GLU C 10 13.04 -7.17 23.10
C GLU C 10 12.15 -6.76 24.24
N GLU C 11 12.79 -6.44 25.36
CA GLU C 11 12.11 -6.06 26.59
C GLU C 11 11.57 -4.65 26.50
N LEU C 12 10.30 -4.48 26.83
CA LEU C 12 9.68 -3.16 26.86
C LEU C 12 9.91 -2.39 28.14
N ILE C 13 10.11 -3.10 29.25
CA ILE C 13 10.21 -2.47 30.55
C ILE C 13 11.62 -2.67 31.13
N GLY C 14 12.37 -1.59 31.27
CA GLY C 14 13.70 -1.67 31.84
C GLY C 14 14.40 -0.33 31.79
N ASP C 15 15.65 -0.30 32.20
CA ASP C 15 16.42 0.95 32.18
C ASP C 15 16.36 1.60 30.81
N GLY C 16 16.03 2.89 30.79
CA GLY C 16 16.01 3.62 29.54
C GLY C 16 14.67 3.58 28.82
N MET C 17 13.65 2.98 29.41
CA MET C 17 12.34 3.09 28.78
C MET C 17 11.83 4.53 28.89
N GLU C 18 12.35 5.28 29.85
CA GLU C 18 11.98 6.68 30.05
C GLU C 18 12.32 7.56 28.86
N ARG C 19 13.34 7.20 28.08
CA ARG C 19 13.62 7.97 26.88
C ARG C 19 12.43 7.93 25.90
N ASP C 20 11.59 6.88 25.97
CA ASP C 20 10.41 6.81 25.10
C ASP C 20 9.34 7.85 25.44
N TYR C 21 9.40 8.38 26.66
CA TYR C 21 8.39 9.35 27.10
C TYR C 21 8.80 10.83 27.16
N ARG C 22 9.98 11.18 26.68
CA ARG C 22 10.42 12.59 26.68
C ARG C 22 9.49 13.47 25.84
N ALA C 23 9.35 14.73 26.25
CA ALA C 23 8.57 15.73 25.53
C ALA C 23 9.33 16.22 24.32
N ILE C 24 8.64 16.33 23.19
CA ILE C 24 9.28 16.85 21.98
C ILE C 24 8.36 17.88 21.36
N PRO C 25 8.49 19.14 21.81
CA PRO C 25 7.54 20.21 21.50
C PRO C 25 7.14 20.28 20.03
N GLU C 26 8.09 20.14 19.11
CA GLU C 26 7.79 20.33 17.70
C GLU C 26 6.93 19.19 17.15
N LEU C 27 6.99 18.02 17.78
CA LEU C 27 6.12 16.90 17.41
C LEU C 27 4.85 16.76 18.26
N ASP C 28 4.75 17.50 19.37
CA ASP C 28 3.70 17.23 20.35
C ASP C 28 2.41 18.05 20.16
N ALA C 29 2.32 18.79 19.06
CA ALA C 29 1.07 19.49 18.73
C ALA C 29 0.75 19.33 17.23
N TYR C 30 -0.51 19.52 16.86
CA TYR C 30 -0.88 19.51 15.46
C TYR C 30 -0.44 20.83 14.85
N GLU C 31 -0.08 20.82 13.57
CA GLU C 31 0.24 22.06 12.88
C GLU C 31 -0.99 22.57 12.14
N ALA C 32 -0.92 23.77 11.57
CA ALA C 32 -2.09 24.41 10.98
C ALA C 32 -2.36 23.84 9.60
N GLU C 33 -1.30 23.47 8.89
CA GLU C 33 -1.44 22.92 7.56
C GLU C 33 -2.33 21.66 7.56
N GLY C 34 -3.33 21.65 6.67
CA GLY C 34 -4.27 20.55 6.59
C GLY C 34 -5.49 20.78 7.44
N LEU C 35 -5.37 21.68 8.40
CA LEU C 35 -6.51 22.09 9.20
C LEU C 35 -7.34 23.13 8.43
N ALA C 36 -8.62 23.24 8.79
CA ALA C 36 -9.49 24.27 8.24
C ALA C 36 -8.87 25.68 8.31
N LEU C 37 -9.09 26.47 7.27
CA LEU C 37 -8.44 27.77 7.11
C LEU C 37 -9.08 28.83 7.96
N ASP C 38 -10.34 28.64 8.29
CA ASP C 38 -10.97 29.61 9.14
C ASP C 38 -12.02 28.97 10.03
N ASP C 39 -12.71 29.82 10.78
CA ASP C 39 -13.69 29.43 11.78
C ASP C 39 -15.12 29.38 11.20
N GLU C 40 -15.24 29.34 9.87
CA GLU C 40 -16.55 29.34 9.24
C GLU C 40 -17.42 28.17 9.70
N ASP C 41 -18.72 28.43 9.80
CA ASP C 41 -19.62 27.41 10.30
C ASP C 41 -19.63 26.20 9.41
N VAL C 42 -19.62 25.03 10.05
CA VAL C 42 -19.62 23.79 9.31
C VAL C 42 -20.81 22.97 9.75
N GLU C 43 -21.68 22.65 8.81
CA GLU C 43 -22.94 21.97 9.08
C GLU C 43 -22.74 20.46 9.08
N GLU C 44 -23.25 19.79 10.10
CA GLU C 44 -23.12 18.34 10.11
C GLU C 44 -24.06 17.73 9.07
N LEU C 45 -23.95 16.42 8.89
CA LEU C 45 -24.81 15.72 7.94
C LEU C 45 -26.25 15.85 8.39
N THR C 46 -27.14 16.08 7.44
CA THR C 46 -28.55 15.95 7.71
C THR C 46 -28.85 14.46 7.67
N ALA C 47 -29.89 14.04 8.38
CA ALA C 47 -30.28 12.64 8.44
C ALA C 47 -30.42 12.02 7.04
N SER C 48 -30.94 12.79 6.11
CA SER C 48 -31.07 12.32 4.74
C SER C 48 -29.70 12.10 4.12
N GLN C 49 -28.81 13.07 4.27
CA GLN C 49 -27.45 12.95 3.76
C GLN C 49 -26.69 11.76 4.34
N ARG C 50 -26.91 11.48 5.63
CA ARG C 50 -26.25 10.36 6.27
C ARG C 50 -26.78 9.06 5.70
N GLU C 51 -28.11 8.94 5.66
CA GLU C 51 -28.77 7.73 5.12
C GLU C 51 -28.34 7.49 3.68
N ALA C 52 -28.12 8.57 2.95
CA ALA C 52 -27.69 8.49 1.56
C ALA C 52 -26.28 7.94 1.45
N ALA C 53 -25.37 8.51 2.23
CA ALA C 53 -23.96 8.09 2.25
C ALA C 53 -23.81 6.62 2.64
N GLU C 54 -24.63 6.18 3.57
CA GLU C 54 -24.55 4.80 4.03
C GLU C 54 -25.14 3.89 2.97
N ARG C 55 -26.14 4.39 2.24
CA ARG C 55 -26.68 3.65 1.11
C ARG C 55 -25.59 3.47 0.07
N ALA C 56 -24.81 4.52 -0.14
CA ALA C 56 -23.78 4.48 -1.18
C ALA C 56 -22.67 3.54 -0.77
N MET C 57 -22.34 3.54 0.51
CA MET C 57 -21.25 2.69 0.99
C MET C 57 -21.67 1.23 1.03
N ARG C 58 -22.96 1.02 1.29
CA ARG C 58 -23.52 -0.33 1.26
C ARG C 58 -23.32 -0.94 -0.12
N GLN C 59 -23.47 -0.13 -1.15
CA GLN C 59 -23.39 -0.63 -2.52
C GLN C 59 -21.96 -0.78 -2.96
N ARG C 60 -21.12 0.13 -2.48
CA ARG C 60 -19.69 0.07 -2.67
C ARG C 60 -19.15 -1.26 -2.17
N ASP C 61 -19.60 -1.63 -0.99
CA ASP C 61 -19.18 -2.87 -0.35
C ASP C 61 -19.75 -4.06 -1.11
N ARG C 62 -21.01 -3.95 -1.53
CA ARG C 62 -21.69 -5.04 -2.23
C ARG C 62 -20.97 -5.42 -3.53
N GLU C 63 -20.21 -4.49 -4.10
CA GLU C 63 -19.47 -4.80 -5.32
C GLU C 63 -17.99 -5.15 -5.09
N ALA C 64 -17.55 -5.16 -3.83
CA ALA C 64 -16.17 -5.52 -3.53
C ALA C 64 -16.06 -6.94 -2.97
N LYS D 10 -8.41 -8.39 2.22
CA LYS D 10 -7.69 -9.45 2.92
C LYS D 10 -6.27 -9.64 2.37
N TRP D 11 -6.16 -9.91 1.08
CA TRP D 11 -4.87 -10.19 0.45
C TRP D 11 -4.08 -8.95 0.08
N ASN D 12 -4.75 -7.82 -0.08
CA ASN D 12 -4.02 -6.69 -0.60
C ASN D 12 -3.61 -5.73 0.50
N ARG D 13 -2.34 -5.83 0.88
CA ARG D 13 -1.70 -4.89 1.77
C ARG D 13 -0.23 -4.86 1.40
N ARG D 14 0.34 -3.67 1.43
CA ARG D 14 1.53 -3.39 0.66
C ARG D 14 2.63 -2.74 1.49
N ASN D 15 3.79 -2.55 0.87
CA ASN D 15 4.85 -1.77 1.50
C ASN D 15 4.56 -0.30 1.17
N ASP D 16 5.47 0.59 1.50
CA ASP D 16 5.22 2.00 1.24
C ASP D 16 5.35 2.39 -0.26
N MET D 17 5.72 1.46 -1.13
CA MET D 17 5.60 1.74 -2.57
C MET D 17 4.34 1.15 -3.18
N GLY D 18 3.49 0.56 -2.34
CA GLY D 18 2.28 -0.09 -2.82
C GLY D 18 2.56 -1.49 -3.31
N GLU D 19 3.72 -2.03 -2.95
CA GLU D 19 4.11 -3.32 -3.48
C GLU D 19 3.56 -4.47 -2.65
N THR D 20 2.78 -5.29 -3.34
CA THR D 20 2.25 -6.54 -2.82
C THR D 20 3.37 -7.56 -2.58
N LEU D 21 3.09 -8.54 -1.72
CA LEU D 21 3.97 -9.66 -1.45
C LEU D 21 4.38 -10.42 -2.73
N LEU D 22 3.50 -10.43 -3.72
CA LEU D 22 3.81 -11.14 -4.95
C LEU D 22 4.86 -10.35 -5.71
N HIS D 23 4.71 -9.03 -5.69
CA HIS D 23 5.65 -8.14 -6.34
C HIS D 23 7.08 -8.45 -5.90
N ARG D 24 7.31 -8.43 -4.60
CA ARG D 24 8.66 -8.56 -4.05
C ARG D 24 9.36 -9.84 -4.50
N ALA D 25 8.58 -10.90 -4.64
CA ALA D 25 9.13 -12.19 -5.03
C ALA D 25 9.62 -12.14 -6.48
N CYS D 26 8.76 -11.68 -7.38
CA CYS D 26 9.11 -11.65 -8.79
C CYS D 26 9.85 -10.36 -9.12
N ILE D 27 10.16 -9.56 -8.10
CA ILE D 27 11.13 -8.48 -8.24
C ILE D 27 12.54 -9.05 -8.01
N GLU D 28 12.75 -9.61 -6.82
CA GLU D 28 14.03 -10.21 -6.45
C GLU D 28 14.29 -11.54 -7.16
N GLY D 29 13.30 -12.02 -7.90
CA GLY D 29 13.46 -13.20 -8.72
C GLY D 29 13.69 -14.48 -7.94
N GLN D 30 12.92 -14.64 -6.87
CA GLN D 30 12.95 -15.86 -6.09
C GLN D 30 11.89 -16.82 -6.60
N LEU D 31 12.32 -17.91 -7.22
CA LEU D 31 11.38 -18.84 -7.85
C LEU D 31 10.72 -19.75 -6.82
N ARG D 32 11.49 -20.17 -5.83
CA ARG D 32 10.98 -21.02 -4.77
C ARG D 32 10.01 -20.25 -3.87
N ARG D 33 10.13 -18.92 -3.91
CA ARG D 33 9.21 -18.02 -3.22
C ARG D 33 7.95 -17.79 -4.06
N VAL D 34 8.16 -17.28 -5.28
CA VAL D 34 7.08 -17.04 -6.24
C VAL D 34 6.15 -18.24 -6.31
N GLN D 35 6.74 -19.43 -6.47
CA GLN D 35 6.00 -20.69 -6.48
C GLN D 35 5.11 -20.84 -5.26
N ASP D 36 5.74 -20.99 -4.09
CA ASP D 36 5.05 -21.16 -2.81
C ASP D 36 3.94 -20.13 -2.57
N LEU D 37 4.24 -18.87 -2.88
CA LEU D 37 3.28 -17.79 -2.70
C LEU D 37 2.11 -17.90 -3.69
N VAL D 38 2.40 -18.02 -4.99
CA VAL D 38 1.35 -18.13 -6.02
C VAL D 38 0.33 -19.23 -5.70
N ARG D 39 0.75 -20.24 -4.93
CA ARG D 39 -0.11 -21.36 -4.53
C ARG D 39 -1.49 -20.89 -4.06
N GLN D 40 -1.47 -20.19 -2.92
CA GLN D 40 -2.67 -19.62 -2.34
C GLN D 40 -2.87 -18.19 -2.85
N GLY D 41 -1.84 -17.69 -3.51
CA GLY D 41 -1.43 -16.32 -3.31
C GLY D 41 -2.15 -15.05 -3.66
N HIS D 42 -2.43 -14.77 -4.92
CA HIS D 42 -2.74 -13.37 -5.16
C HIS D 42 -3.80 -13.08 -6.21
N PRO D 43 -4.64 -12.07 -5.93
CA PRO D 43 -5.47 -11.49 -6.99
C PRO D 43 -4.53 -10.75 -7.92
N LEU D 44 -4.62 -10.98 -9.23
CA LEU D 44 -3.60 -10.40 -10.07
C LEU D 44 -4.05 -9.11 -10.73
N ASN D 45 -3.11 -8.52 -11.45
CA ASN D 45 -3.13 -7.10 -11.76
C ASN D 45 -3.33 -6.20 -10.53
N PRO D 46 -2.65 -6.50 -9.39
CA PRO D 46 -2.72 -5.43 -8.40
C PRO D 46 -1.74 -4.34 -8.80
N ARG D 47 -2.11 -3.09 -8.57
CA ARG D 47 -1.27 -1.99 -9.01
C ARG D 47 -0.64 -1.33 -7.80
N ASP D 48 0.69 -1.23 -7.78
CA ASP D 48 1.38 -0.53 -6.70
C ASP D 48 1.09 0.95 -6.84
N TYR D 49 1.72 1.78 -6.03
CA TYR D 49 1.31 3.18 -6.02
C TYR D 49 1.60 3.89 -7.36
N CYS D 50 2.59 3.40 -8.10
CA CYS D 50 2.82 3.94 -9.44
C CYS D 50 1.89 3.34 -10.49
N GLY D 51 1.37 2.14 -10.22
CA GLY D 51 0.48 1.44 -11.13
C GLY D 51 1.02 0.20 -11.86
N TRP D 52 2.18 -0.27 -11.46
CA TRP D 52 2.74 -1.46 -12.09
C TRP D 52 2.02 -2.72 -11.61
N THR D 53 2.33 -3.85 -12.22
CA THR D 53 1.76 -5.13 -11.83
C THR D 53 2.89 -6.16 -11.65
N PRO D 54 2.64 -7.25 -10.91
CA PRO D 54 3.71 -8.23 -10.67
C PRO D 54 4.29 -8.82 -11.96
N LEU D 55 3.55 -8.73 -13.06
CA LEU D 55 4.03 -9.24 -14.34
C LEU D 55 4.98 -8.24 -14.97
N HIS D 56 4.72 -6.95 -14.72
CA HIS D 56 5.62 -5.91 -15.17
C HIS D 56 6.99 -6.13 -14.56
N GLU D 57 7.01 -6.28 -13.25
CA GLU D 57 8.25 -6.52 -12.51
C GLU D 57 9.00 -7.71 -13.10
N ALA D 58 8.26 -8.80 -13.32
CA ALA D 58 8.86 -10.02 -13.81
C ALA D 58 9.45 -9.81 -15.20
N CYS D 59 8.66 -9.25 -16.12
CA CYS D 59 9.15 -8.89 -17.44
C CYS D 59 10.34 -7.93 -17.35
N ASN D 60 10.18 -6.89 -16.55
CA ASN D 60 11.19 -5.85 -16.43
C ASN D 60 12.54 -6.36 -15.94
N TYR D 61 12.53 -7.33 -15.05
CA TYR D 61 13.79 -7.86 -14.53
C TYR D 61 14.25 -9.15 -15.19
N GLY D 62 13.45 -9.71 -16.10
CA GLY D 62 13.32 -11.15 -16.24
C GLY D 62 14.63 -11.92 -16.19
N HIS D 63 14.77 -12.96 -15.37
CA HIS D 63 13.75 -13.75 -14.64
C HIS D 63 12.80 -14.44 -15.60
N LEU D 64 13.41 -15.03 -16.65
CA LEU D 64 12.69 -15.80 -17.66
C LEU D 64 11.83 -16.91 -17.05
N GLU D 65 12.42 -17.68 -16.14
CA GLU D 65 11.74 -18.83 -15.57
C GLU D 65 10.80 -18.42 -14.44
N ILE D 66 10.89 -17.17 -14.02
CA ILE D 66 9.86 -16.62 -13.15
C ILE D 66 8.64 -16.19 -13.95
N VAL D 67 8.84 -15.50 -15.07
CA VAL D 67 7.72 -15.02 -15.88
C VAL D 67 6.98 -16.17 -16.54
N ARG D 68 7.63 -17.32 -16.65
CA ARG D 68 6.99 -18.50 -17.22
C ARG D 68 5.99 -19.06 -16.21
N PHE D 69 6.41 -19.17 -14.96
CA PHE D 69 5.50 -19.57 -13.88
C PHE D 69 4.29 -18.64 -13.82
N LEU D 70 4.56 -17.34 -13.94
CA LEU D 70 3.54 -16.27 -13.84
C LEU D 70 2.53 -16.24 -14.99
N LEU D 71 3.04 -16.23 -16.22
CA LEU D 71 2.20 -16.09 -17.42
C LEU D 71 1.33 -17.31 -17.58
N ASP D 72 1.67 -18.33 -16.81
CA ASP D 72 0.94 -19.57 -16.77
C ASP D 72 -0.41 -19.28 -16.12
N HIS D 73 -0.36 -18.91 -14.84
CA HIS D 73 -1.54 -18.52 -14.06
C HIS D 73 -1.96 -17.11 -14.47
N GLY D 74 -2.96 -16.53 -13.81
CA GLY D 74 -3.63 -15.36 -14.38
C GLY D 74 -4.70 -15.66 -15.42
N ALA D 75 -4.54 -15.22 -16.68
CA ALA D 75 -3.24 -14.88 -17.28
C ALA D 75 -2.57 -13.56 -16.82
N ALA D 76 -3.29 -12.45 -16.94
CA ALA D 76 -2.79 -11.10 -16.66
C ALA D 76 -1.78 -10.59 -17.70
N VAL D 77 -1.48 -11.40 -18.72
CA VAL D 77 -0.36 -11.16 -19.64
C VAL D 77 -0.33 -9.81 -20.40
N ASP D 78 -1.48 -9.20 -20.72
CA ASP D 78 -1.46 -7.81 -21.20
C ASP D 78 -2.10 -6.86 -20.21
N ASP D 79 -1.25 -6.11 -19.53
CA ASP D 79 -1.64 -5.15 -18.52
C ASP D 79 -1.18 -3.72 -18.87
N PRO D 80 -2.13 -2.79 -19.08
CA PRO D 80 -1.70 -1.43 -19.40
C PRO D 80 -1.04 -0.73 -18.23
N GLY D 81 -0.75 0.55 -18.40
CA GLY D 81 -0.22 1.32 -17.30
C GLY D 81 -1.28 1.76 -16.30
N GLY D 82 -0.89 1.81 -15.03
CA GLY D 82 -1.63 2.63 -14.09
C GLY D 82 -1.22 4.05 -14.42
N GLN D 83 -2.10 5.02 -14.22
CA GLN D 83 -1.77 6.41 -14.55
C GLN D 83 -0.51 6.85 -13.82
N GLY D 84 0.29 7.69 -14.45
CA GLY D 84 1.55 8.13 -13.84
C GLY D 84 2.72 7.23 -14.20
N CYS D 85 2.41 5.99 -14.58
CA CYS D 85 3.43 5.04 -15.04
C CYS D 85 3.54 5.00 -16.58
N GLU D 86 2.87 5.95 -17.23
CA GLU D 86 3.05 6.25 -18.66
C GLU D 86 2.58 5.16 -19.61
N GLY D 87 1.66 4.33 -19.15
CA GLY D 87 1.01 3.35 -20.00
C GLY D 87 1.96 2.39 -20.70
N ILE D 88 2.76 1.68 -19.92
CA ILE D 88 3.72 0.73 -20.47
C ILE D 88 3.22 -0.72 -20.27
N THR D 89 2.96 -1.39 -21.38
CA THR D 89 2.55 -2.80 -21.35
C THR D 89 3.76 -3.66 -20.96
N PRO D 90 3.52 -4.90 -20.51
CA PRO D 90 4.66 -5.80 -20.25
C PRO D 90 5.63 -5.99 -21.42
N LEU D 91 5.15 -6.18 -22.67
CA LEU D 91 6.06 -6.33 -23.81
C LEU D 91 6.87 -5.05 -24.02
N HIS D 92 6.20 -3.90 -23.93
CA HIS D 92 6.88 -2.61 -23.94
C HIS D 92 8.00 -2.61 -22.91
N ASP D 93 7.66 -3.05 -21.69
CA ASP D 93 8.62 -3.11 -20.58
C ASP D 93 9.77 -4.03 -20.91
N ALA D 94 9.45 -5.24 -21.39
CA ALA D 94 10.49 -6.21 -21.72
C ALA D 94 11.37 -5.71 -22.86
N LEU D 95 10.83 -4.89 -23.75
CA LEU D 95 11.62 -4.39 -24.88
C LEU D 95 12.48 -3.21 -24.44
N ASN D 96 12.06 -2.54 -23.37
CA ASN D 96 12.86 -1.51 -22.73
C ASN D 96 14.06 -2.10 -22.00
N CYS D 97 13.90 -3.33 -21.51
CA CYS D 97 14.96 -4.00 -20.77
C CYS D 97 15.71 -5.05 -21.60
N GLY D 98 15.32 -5.19 -22.85
CA GLY D 98 16.03 -6.04 -23.78
C GLY D 98 16.08 -7.49 -23.34
N HIS D 99 15.02 -7.96 -22.70
CA HIS D 99 14.99 -9.36 -22.34
C HIS D 99 14.18 -10.01 -23.44
N PHE D 100 14.91 -10.61 -24.37
CA PHE D 100 14.30 -11.03 -25.62
C PHE D 100 13.65 -12.38 -25.48
N GLU D 101 14.32 -13.27 -24.75
CA GLU D 101 13.74 -14.57 -24.41
C GLU D 101 12.42 -14.35 -23.68
N VAL D 102 12.37 -13.32 -22.83
CA VAL D 102 11.12 -12.96 -22.15
C VAL D 102 10.13 -12.29 -23.13
N ALA D 103 10.63 -11.38 -23.96
CA ALA D 103 9.81 -10.76 -24.99
C ALA D 103 9.21 -11.80 -25.94
N GLU D 104 9.97 -12.86 -26.20
CA GLU D 104 9.52 -13.94 -27.06
C GLU D 104 8.42 -14.75 -26.39
N LEU D 105 8.60 -14.97 -25.10
CA LEU D 105 7.62 -15.69 -24.27
C LEU D 105 6.28 -14.96 -24.23
N LEU D 106 6.32 -13.65 -24.08
CA LEU D 106 5.12 -12.82 -24.01
C LEU D 106 4.32 -12.85 -25.33
N LEU D 107 4.97 -13.27 -26.40
CA LEU D 107 4.35 -13.28 -27.73
C LEU D 107 3.45 -14.51 -27.97
N GLU D 108 3.89 -15.64 -27.44
CA GLU D 108 3.01 -16.78 -27.16
C GLU D 108 2.16 -16.50 -25.90
N ARG D 109 1.03 -17.21 -25.79
CA ARG D 109 0.10 -17.08 -24.65
C ARG D 109 -0.60 -15.72 -24.64
N GLY D 110 -0.25 -14.87 -25.62
CA GLY D 110 -0.93 -13.60 -25.85
C GLY D 110 0.01 -12.61 -26.52
N ALA D 111 -0.49 -11.42 -26.84
CA ALA D 111 0.36 -10.30 -27.28
C ALA D 111 -0.51 -9.06 -27.51
N SER D 112 0.12 -7.91 -27.37
CA SER D 112 -0.56 -6.62 -27.51
C SER D 112 -0.25 -5.94 -28.83
N VAL D 113 0.48 -6.62 -29.72
CA VAL D 113 1.45 -5.98 -30.63
C VAL D 113 0.97 -4.71 -31.33
N THR D 114 -0.34 -4.56 -31.48
CA THR D 114 -0.92 -3.29 -31.95
C THR D 114 -0.98 -2.20 -30.86
N LEU D 115 -0.59 -2.56 -29.62
CA LEU D 115 -0.79 -1.72 -28.42
C LEU D 115 -0.43 -0.23 -28.55
N ARG D 116 0.66 0.06 -29.25
CA ARG D 116 1.07 1.45 -29.54
C ARG D 116 1.02 2.31 -28.28
N THR D 117 1.74 1.87 -27.24
CA THR D 117 1.46 2.23 -25.85
C THR D 117 1.43 3.72 -25.50
N ARG D 118 1.87 4.55 -26.43
CA ARG D 118 1.75 5.99 -26.29
C ARG D 118 2.49 6.56 -25.10
N LYS D 119 3.80 6.41 -25.13
CA LYS D 119 4.69 7.35 -24.51
C LYS D 119 4.94 8.35 -25.62
N GLY D 120 4.20 8.13 -26.70
CA GLY D 120 4.41 8.72 -28.00
C GLY D 120 4.84 7.64 -28.97
N LEU D 121 5.27 6.48 -28.45
CA LEU D 121 5.85 5.44 -29.28
C LEU D 121 4.99 4.17 -29.41
N SER D 122 5.50 3.21 -30.18
CA SER D 122 4.84 1.94 -30.44
C SER D 122 5.82 0.81 -30.04
N PRO D 123 5.35 -0.45 -29.92
CA PRO D 123 6.27 -1.55 -29.55
C PRO D 123 7.55 -1.63 -30.37
N LEU D 124 7.47 -1.53 -31.70
CA LEU D 124 8.65 -1.56 -32.53
C LEU D 124 9.53 -0.36 -32.24
N GLU D 125 8.89 0.81 -32.20
CA GLU D 125 9.60 2.07 -31.95
C GLU D 125 10.36 2.01 -30.62
N THR D 126 9.75 1.36 -29.62
CA THR D 126 10.38 1.13 -28.32
C THR D 126 11.65 0.28 -28.44
N LEU D 127 11.54 -0.88 -29.07
CA LEU D 127 12.71 -1.70 -29.37
C LEU D 127 13.76 -0.92 -30.17
N GLN D 128 13.31 -0.27 -31.24
CA GLN D 128 14.19 0.54 -32.07
C GLN D 128 14.93 1.62 -31.26
N GLN D 129 14.22 2.29 -30.35
CA GLN D 129 14.86 3.32 -29.54
C GLN D 129 15.79 2.67 -28.53
N TRP D 130 15.50 1.41 -28.18
CA TRP D 130 16.34 0.67 -27.25
C TRP D 130 17.65 0.33 -27.96
N VAL D 131 17.52 -0.27 -29.13
CA VAL D 131 18.67 -0.56 -29.99
C VAL D 131 19.51 0.69 -30.24
N LYS D 132 18.87 1.78 -30.63
CA LYS D 132 19.56 3.02 -30.97
C LYS D 132 20.43 3.49 -29.83
N LEU D 133 19.87 3.38 -28.62
CA LEU D 133 20.50 3.87 -27.43
C LEU D 133 21.68 3.00 -27.02
N TYR D 134 21.52 1.70 -27.22
CA TYR D 134 22.57 0.73 -26.91
C TYR D 134 23.39 0.26 -28.12
N ARG D 135 23.29 0.97 -29.25
CA ARG D 135 23.89 0.53 -30.53
C ARG D 135 25.30 -0.04 -30.36
N ARG D 136 26.27 0.79 -29.97
CA ARG D 136 27.52 0.25 -29.45
C ARG D 136 27.21 -0.44 -28.13
N ASP D 137 28.02 -1.45 -27.76
CA ASP D 137 27.88 -2.30 -26.55
C ASP D 137 27.03 -3.56 -26.72
N LEU D 138 26.37 -3.73 -27.86
CA LEU D 138 25.58 -4.94 -28.05
C LEU D 138 26.43 -6.11 -28.58
N ASP D 139 26.11 -7.31 -28.11
CA ASP D 139 26.78 -8.52 -28.56
C ASP D 139 26.39 -8.83 -29.98
N LEU D 140 26.97 -9.88 -30.52
CA LEU D 140 26.49 -10.40 -31.78
C LEU D 140 25.14 -11.03 -31.53
N GLU D 141 25.09 -11.89 -30.52
CA GLU D 141 23.88 -12.66 -30.24
C GLU D 141 22.75 -11.69 -29.95
N THR D 142 23.07 -10.67 -29.17
CA THR D 142 22.10 -9.65 -28.79
C THR D 142 21.60 -8.88 -30.03
N ARG D 143 22.53 -8.45 -30.88
CA ARG D 143 22.18 -7.79 -32.12
C ARG D 143 21.23 -8.64 -32.97
N GLN D 144 21.45 -9.96 -32.95
CA GLN D 144 20.63 -10.86 -33.74
C GLN D 144 19.25 -11.11 -33.12
N LYS D 145 19.20 -11.29 -31.81
CA LYS D 145 17.91 -11.39 -31.12
C LYS D 145 17.07 -10.15 -31.40
N ALA D 146 17.72 -9.01 -31.52
CA ALA D 146 17.02 -7.75 -31.73
C ALA D 146 16.54 -7.61 -33.17
N ARG D 147 17.30 -8.16 -34.12
CA ARG D 147 16.89 -8.16 -35.52
C ARG D 147 15.66 -9.03 -35.75
N ALA D 148 15.70 -10.27 -35.28
CA ALA D 148 14.54 -11.16 -35.30
C ALA D 148 13.29 -10.44 -34.78
N MET D 149 13.35 -10.05 -33.52
CA MET D 149 12.29 -9.30 -32.87
C MET D 149 11.88 -8.05 -33.69
N GLU D 150 12.84 -7.36 -34.28
CA GLU D 150 12.54 -6.15 -35.04
C GLU D 150 11.74 -6.43 -36.32
N MET D 151 12.09 -7.49 -37.04
CA MET D 151 11.37 -7.86 -38.26
C MET D 151 10.02 -8.50 -37.90
N LEU D 152 9.97 -9.08 -36.71
CA LEU D 152 8.80 -9.81 -36.26
C LEU D 152 7.65 -8.86 -35.92
N LEU D 153 7.98 -7.80 -35.18
CA LEU D 153 7.03 -6.75 -34.80
C LEU D 153 6.50 -5.97 -36.01
N GLN D 154 7.42 -5.65 -36.92
CA GLN D 154 7.10 -4.86 -38.09
C GLN D 154 6.09 -5.60 -38.96
N ALA D 155 6.27 -6.91 -39.04
CA ALA D 155 5.38 -7.76 -39.82
C ALA D 155 4.14 -8.14 -39.02
N ALA D 156 4.02 -7.63 -37.80
CA ALA D 156 2.81 -7.85 -37.01
C ALA D 156 1.67 -6.96 -37.50
N ALA D 157 1.87 -5.65 -37.46
CA ALA D 157 0.87 -4.68 -37.91
C ALA D 157 0.30 -5.00 -39.30
N SER D 158 1.18 -5.22 -40.28
CA SER D 158 0.79 -5.61 -41.64
C SER D 158 -0.41 -4.85 -42.19
#